data_6AOP
#
_entry.id   6AOP
#
_cell.length_a   100.491
_cell.length_b   100.491
_cell.length_c   383.319
_cell.angle_alpha   90.00
_cell.angle_beta   90.00
_cell.angle_gamma   120.00
#
_symmetry.space_group_name_H-M   'H 3 2'
#
loop_
_entity.id
_entity.type
_entity.pdbx_description
1 polymer 'Hemagglutinin HA1 chain'
2 polymer 'Hemagglutinin HA2 chain'
3 branched alpha-D-mannopyranose-(1-3)-beta-D-mannopyranose-(1-4)-2-acetamido-2-deoxy-beta-D-glucopyranose-(1-4)-2-acetamido-2-deoxy-beta-D-glucopyranose
4 branched 2-acetamido-2-deoxy-beta-D-glucopyranose-(1-4)-2-acetamido-2-deoxy-beta-D-glucopyranose
5 non-polymer 2-acetamido-2-deoxy-beta-D-glucopyranose
6 water water
#
loop_
_entity_poly.entity_id
_entity_poly.type
_entity_poly.pdbx_seq_one_letter_code
_entity_poly.pdbx_strand_id
1 'polypeptide(L)'
;ADPGATLCLGHHAVPNGTIVKTITNDQIEVTNATELVQSSSTGEICDSPHQILDGENCTLIDALLGDPQCDGFQNKKWDL
FVERSKAYSNCYPYDVPDYASLRSLVASSGTLEFNNESFNWTGVTQNGTSSACIRRSNNSFFSRLNWLTHLKFKYPALNV
TMPNNEKFDKLYIWGVHHPGTDNDQIFPYAQASGRITVSTKRSQQTVIPNIGSRPRVRNIPSRISIYWTIVKPGDILLIN
STGNLIAPRGYFKIRSGKSSIMRSDAPIGKCNSECITPNGSIPNDKPFQNVNRITYGACPRYVKQNTLKLATGMRNVPEK
QTR
;
A
2 'polypeptide(L)'
;GIFGAIAGFIENGWEGMVDGWYGFRHQNSEGIGQAADLKSTQAAIDQINGKLNRLIGKTNEKFHQIEKEFSEVEGRIQDL
EKYVEDTKIDLWSYNAELLVALENQHTIDLTDSEMNKLFEKTKKQLRENAEDMGNGCFKIYHKCDNACIGSIRNGTYDHD
VYRDEALNNRFQIK
;
B
#
loop_
_chem_comp.id
_chem_comp.type
_chem_comp.name
_chem_comp.formula
BMA D-saccharide, beta linking beta-D-mannopyranose 'C6 H12 O6'
MAN D-saccharide, alpha linking alpha-D-mannopyranose 'C6 H12 O6'
NAG D-saccharide, beta linking 2-acetamido-2-deoxy-beta-D-glucopyranose 'C8 H15 N O6'
#
# COMPACT_ATOMS: atom_id res chain seq x y z
N PRO A 3 32.63 -33.08 47.91
CA PRO A 3 32.64 -33.11 46.44
C PRO A 3 31.47 -32.29 45.79
N GLY A 4 30.23 -32.81 45.84
CA GLY A 4 29.08 -32.10 45.28
C GLY A 4 28.96 -31.93 43.76
N ALA A 5 28.21 -30.92 43.34
CA ALA A 5 27.98 -30.61 41.95
C ALA A 5 27.75 -29.11 41.75
N THR A 6 27.85 -28.68 40.49
CA THR A 6 27.51 -27.32 40.09
CA THR A 6 27.54 -27.33 40.07
C THR A 6 26.45 -27.37 39.01
N LEU A 7 25.47 -26.47 39.12
CA LEU A 7 24.38 -26.35 38.16
C LEU A 7 24.28 -24.90 37.74
N CYS A 8 24.51 -24.63 36.47
CA CYS A 8 24.47 -23.27 35.88
C CYS A 8 23.27 -23.10 34.98
N LEU A 9 22.54 -22.02 35.20
CA LEU A 9 21.47 -21.59 34.34
C LEU A 9 22.07 -20.69 33.28
N GLY A 10 21.55 -20.75 32.06
CA GLY A 10 22.07 -19.91 31.01
C GLY A 10 21.18 -19.84 29.80
N HIS A 11 21.65 -19.11 28.81
CA HIS A 11 20.89 -18.75 27.65
C HIS A 11 21.77 -18.86 26.43
N HIS A 12 21.16 -18.99 25.26
CA HIS A 12 21.91 -19.13 24.03
C HIS A 12 22.55 -17.81 23.59
N ALA A 13 23.39 -17.91 22.58
CA ALA A 13 23.95 -16.78 21.86
C ALA A 13 24.31 -17.25 20.45
N VAL A 14 24.50 -16.31 19.53
CA VAL A 14 24.84 -16.66 18.16
C VAL A 14 26.10 -15.93 17.71
N PRO A 15 26.82 -16.51 16.73
CA PRO A 15 28.02 -15.85 16.21
C PRO A 15 27.72 -14.67 15.32
N ASN A 16 26.54 -14.65 14.68
CA ASN A 16 26.12 -13.57 13.75
C ASN A 16 24.93 -12.77 14.31
N GLY A 17 25.18 -11.90 15.28
CA GLY A 17 24.11 -11.03 15.81
C GLY A 17 23.68 -9.95 14.82
N THR A 18 22.51 -9.33 15.04
CA THR A 18 22.13 -8.08 14.35
C THR A 18 21.75 -6.96 15.28
N ILE A 19 21.92 -5.76 14.79
CA ILE A 19 21.73 -4.53 15.56
C ILE A 19 20.31 -4.07 15.40
N VAL A 20 19.65 -3.73 16.51
CA VAL A 20 18.33 -3.11 16.51
C VAL A 20 18.36 -1.85 17.34
N LYS A 21 17.36 -1.00 17.15
CA LYS A 21 17.10 0.18 18.00
C LYS A 21 16.15 -0.18 19.14
N THR A 22 16.34 0.47 20.29
CA THR A 22 15.44 0.41 21.42
C THR A 22 15.12 1.82 21.93
N ILE A 23 14.28 1.88 22.93
CA ILE A 23 13.96 3.13 23.60
C ILE A 23 15.20 3.76 24.26
N THR A 24 16.12 2.95 24.76
CA THR A 24 17.23 3.47 25.52
C THR A 24 18.57 3.35 24.82
N ASN A 25 18.60 2.85 23.59
CA ASN A 25 19.88 2.58 22.97
C ASN A 25 19.72 2.44 21.49
N ASP A 26 20.45 3.22 20.69
CA ASP A 26 20.22 3.12 19.25
C ASP A 26 20.87 1.90 18.60
N GLN A 27 21.74 1.17 19.33
CA GLN A 27 22.45 0.00 18.80
C GLN A 27 22.63 -1.08 19.88
N ILE A 28 21.79 -2.11 19.83
CA ILE A 28 21.97 -3.21 20.72
CA ILE A 28 21.82 -3.24 20.75
C ILE A 28 21.84 -4.46 19.86
N GLU A 29 22.67 -5.45 20.15
CA GLU A 29 22.74 -6.62 19.31
C GLU A 29 21.81 -7.70 19.89
N VAL A 30 20.96 -8.24 19.03
CA VAL A 30 20.06 -9.33 19.39
C VAL A 30 20.39 -10.60 18.55
N THR A 31 19.93 -11.75 19.01
CA THR A 31 20.24 -12.97 18.31
C THR A 31 19.61 -13.08 16.93
N ASN A 32 18.47 -12.42 16.73
CA ASN A 32 17.75 -12.49 15.47
C ASN A 32 16.76 -11.29 15.34
N ALA A 33 16.47 -10.91 14.09
CA ALA A 33 15.53 -9.84 13.79
C ALA A 33 14.88 -10.04 12.44
N THR A 34 13.82 -9.27 12.19
CA THR A 34 13.06 -9.34 10.96
C THR A 34 12.85 -7.92 10.42
N GLU A 35 12.81 -7.78 9.11
CA GLU A 35 12.70 -6.50 8.45
C GLU A 35 11.24 -6.14 8.36
N LEU A 36 10.88 -4.96 8.86
CA LEU A 36 9.51 -4.46 8.78
C LEU A 36 9.16 -3.51 7.59
N VAL A 37 10.16 -3.02 6.86
CA VAL A 37 9.94 -2.14 5.73
C VAL A 37 10.21 -2.91 4.43
N GLN A 38 9.23 -2.98 3.54
CA GLN A 38 9.46 -3.53 2.20
C GLN A 38 10.10 -2.44 1.33
N SER A 39 11.25 -2.75 0.75
CA SER A 39 12.03 -1.77 0.03
C SER A 39 12.33 -2.14 -1.42
N SER A 40 11.76 -3.22 -1.93
CA SER A 40 12.00 -3.64 -3.31
C SER A 40 10.74 -4.13 -3.98
N SER A 41 10.73 -4.00 -5.32
CA SER A 41 9.74 -4.63 -6.21
CA SER A 41 9.74 -4.68 -6.17
C SER A 41 10.49 -5.48 -7.22
N THR A 42 9.82 -6.45 -7.83
CA THR A 42 10.42 -7.17 -8.98
C THR A 42 10.44 -6.29 -10.25
N GLY A 43 9.54 -5.30 -10.31
CA GLY A 43 9.51 -4.33 -11.41
C GLY A 43 8.31 -4.47 -12.32
N GLU A 44 7.49 -5.50 -12.09
CA GLU A 44 6.31 -5.77 -12.93
CA GLU A 44 6.31 -5.77 -12.93
C GLU A 44 5.00 -5.60 -12.15
N ILE A 45 3.98 -5.05 -12.83
CA ILE A 45 2.64 -4.96 -12.27
C ILE A 45 1.97 -6.28 -12.56
N CYS A 46 1.70 -7.05 -11.52
CA CYS A 46 0.98 -8.33 -11.65
C CYS A 46 -0.49 -8.17 -12.14
N ASP A 47 -0.87 -8.95 -13.17
CA ASP A 47 -2.21 -8.88 -13.78
C ASP A 47 -3.33 -9.50 -12.93
N SER A 48 -2.99 -10.12 -11.81
CA SER A 48 -3.95 -10.66 -10.85
C SER A 48 -3.52 -10.25 -9.42
N PRO A 49 -4.46 -10.17 -8.46
CA PRO A 49 -5.87 -10.52 -8.64
C PRO A 49 -6.76 -9.36 -9.08
N HIS A 50 -6.17 -8.22 -9.45
CA HIS A 50 -6.97 -7.05 -9.83
C HIS A 50 -7.03 -6.97 -11.33
N GLN A 51 -8.15 -6.51 -11.85
CA GLN A 51 -8.30 -6.31 -13.28
C GLN A 51 -7.57 -5.05 -13.75
N ILE A 52 -6.47 -5.30 -14.47
CA ILE A 52 -5.57 -4.24 -14.96
C ILE A 52 -5.95 -3.91 -16.37
N LEU A 53 -6.07 -2.63 -16.68
CA LEU A 53 -6.25 -2.21 -18.06
C LEU A 53 -5.08 -1.35 -18.44
N ASP A 54 -4.23 -1.87 -19.33
CA ASP A 54 -3.04 -1.16 -19.83
C ASP A 54 -3.55 -0.17 -20.85
N GLY A 55 -3.31 1.12 -20.60
CA GLY A 55 -3.74 2.18 -21.51
C GLY A 55 -2.91 2.26 -22.76
N GLU A 56 -1.67 1.78 -22.67
CA GLU A 56 -0.74 1.75 -23.80
C GLU A 56 -0.54 3.17 -24.35
N ASN A 57 -1.03 3.46 -25.55
CA ASN A 57 -0.81 4.76 -26.18
C ASN A 57 -1.87 5.81 -25.82
N CYS A 58 -2.85 5.40 -24.99
CA CYS A 58 -4.08 6.15 -24.74
C CYS A 58 -4.18 6.57 -23.25
N THR A 59 -4.56 7.82 -23.03
CA THR A 59 -5.03 8.26 -21.73
C THR A 59 -6.46 7.76 -21.50
N LEU A 60 -6.90 7.76 -20.23
CA LEU A 60 -8.28 7.41 -19.92
C LEU A 60 -9.24 8.32 -20.70
N ILE A 61 -8.94 9.62 -20.73
CA ILE A 61 -9.80 10.61 -21.40
C ILE A 61 -9.90 10.35 -22.92
N ASP A 62 -8.77 10.03 -23.55
CA ASP A 62 -8.82 9.66 -24.98
C ASP A 62 -9.70 8.43 -25.24
N ALA A 63 -9.57 7.40 -24.43
CA ALA A 63 -10.44 6.23 -24.56
C ALA A 63 -11.91 6.60 -24.29
N LEU A 64 -12.14 7.51 -23.35
CA LEU A 64 -13.48 8.02 -23.07
C LEU A 64 -14.11 8.73 -24.25
N LEU A 65 -13.36 9.70 -24.79
CA LEU A 65 -13.85 10.53 -25.89
C LEU A 65 -13.97 9.72 -27.17
N GLY A 66 -13.09 8.73 -27.33
CA GLY A 66 -13.10 7.85 -28.47
C GLY A 66 -12.21 8.21 -29.64
N ASP A 67 -11.02 8.73 -29.33
CA ASP A 67 -9.87 8.78 -30.25
C ASP A 67 -9.70 7.41 -30.98
N PRO A 68 -9.56 7.38 -32.32
CA PRO A 68 -9.63 6.09 -33.04
C PRO A 68 -8.63 5.01 -32.59
N GLN A 69 -7.40 5.39 -32.24
CA GLN A 69 -6.43 4.41 -31.69
C GLN A 69 -6.87 3.77 -30.36
N CYS A 70 -7.89 4.34 -29.71
CA CYS A 70 -8.47 3.79 -28.50
C CYS A 70 -9.79 3.04 -28.70
N ASP A 71 -10.15 2.74 -29.95
CA ASP A 71 -11.39 1.97 -30.25
C ASP A 71 -11.43 0.58 -29.59
N GLY A 72 -10.26 -0.03 -29.41
CA GLY A 72 -10.14 -1.25 -28.62
C GLY A 72 -10.67 -1.17 -27.19
N PHE A 73 -10.78 0.05 -26.62
CA PHE A 73 -11.19 0.22 -25.22
C PHE A 73 -12.72 0.34 -24.98
N GLN A 74 -13.54 0.27 -26.04
CA GLN A 74 -14.97 0.52 -25.90
C GLN A 74 -15.60 -0.47 -24.93
N ASN A 75 -16.30 0.10 -23.95
CA ASN A 75 -17.07 -0.65 -22.96
C ASN A 75 -16.26 -1.46 -21.94
N LYS A 76 -14.95 -1.28 -21.89
CA LYS A 76 -14.11 -2.01 -20.93
C LYS A 76 -14.29 -1.51 -19.49
N LYS A 77 -13.97 -2.42 -18.58
CA LYS A 77 -13.96 -2.20 -17.15
C LYS A 77 -12.52 -2.36 -16.62
N TRP A 78 -12.32 -1.94 -15.38
CA TRP A 78 -11.04 -2.08 -14.71
C TRP A 78 -11.18 -1.88 -13.20
N ASP A 79 -10.32 -2.57 -12.49
CA ASP A 79 -10.02 -2.27 -11.14
C ASP A 79 -8.98 -1.12 -11.17
N LEU A 80 -7.91 -1.27 -11.97
CA LEU A 80 -6.86 -0.27 -12.11
C LEU A 80 -6.50 0.00 -13.54
N PHE A 81 -6.68 1.24 -13.98
CA PHE A 81 -6.29 1.72 -15.30
C PHE A 81 -4.86 2.24 -15.22
N VAL A 82 -3.97 1.75 -16.07
CA VAL A 82 -2.57 2.16 -16.02
C VAL A 82 -2.24 3.07 -17.19
N GLU A 83 -1.96 4.35 -16.94
CA GLU A 83 -1.53 5.30 -18.01
C GLU A 83 -0.04 5.32 -18.14
N ARG A 84 0.43 5.35 -19.38
CA ARG A 84 1.85 5.26 -19.75
C ARG A 84 2.35 6.64 -20.12
N SER A 85 3.62 6.92 -19.83
CA SER A 85 4.19 8.25 -20.15
C SER A 85 4.31 8.49 -21.66
N LYS A 86 4.52 7.41 -22.43
CA LYS A 86 4.57 7.48 -23.90
C LYS A 86 3.23 7.80 -24.57
N ALA A 87 2.11 7.77 -23.85
CA ALA A 87 0.79 8.06 -24.43
C ALA A 87 0.77 9.40 -25.14
N TYR A 88 -0.15 9.53 -26.10
CA TYR A 88 -0.29 10.75 -26.90
C TYR A 88 -1.66 10.76 -27.59
N SER A 89 -2.18 11.95 -27.85
CA SER A 89 -3.44 12.11 -28.57
C SER A 89 -3.20 12.22 -30.09
N ASN A 90 -4.12 11.66 -30.88
CA ASN A 90 -4.04 11.67 -32.35
C ASN A 90 -5.44 11.79 -32.97
N CYS A 91 -6.12 12.85 -32.56
CA CYS A 91 -7.44 13.17 -33.06
C CYS A 91 -7.54 14.69 -32.94
N TYR A 92 -8.74 15.24 -32.74
CA TYR A 92 -8.89 16.70 -32.83
C TYR A 92 -8.33 17.33 -31.55
N PRO A 93 -7.47 18.37 -31.66
CA PRO A 93 -6.96 19.00 -30.44
C PRO A 93 -8.09 19.45 -29.49
N TYR A 94 -7.91 19.19 -28.18
CA TYR A 94 -8.91 19.55 -27.19
C TYR A 94 -8.36 19.91 -25.84
N ASP A 95 -9.24 20.47 -25.02
CA ASP A 95 -8.96 20.60 -23.60
C ASP A 95 -10.22 20.35 -22.78
N VAL A 96 -9.99 20.15 -21.49
CA VAL A 96 -11.02 19.87 -20.53
C VAL A 96 -10.78 20.81 -19.36
N PRO A 97 -11.63 21.82 -19.20
CA PRO A 97 -11.63 22.53 -17.91
C PRO A 97 -11.89 21.52 -16.76
N ASP A 98 -11.02 21.51 -15.75
CA ASP A 98 -11.09 20.50 -14.67
C ASP A 98 -10.86 19.06 -15.23
N TYR A 99 -9.88 18.95 -16.14
CA TYR A 99 -9.41 17.65 -16.65
C TYR A 99 -9.19 16.66 -15.52
N ALA A 100 -8.46 17.08 -14.49
CA ALA A 100 -8.17 16.22 -13.34
C ALA A 100 -9.42 15.59 -12.71
N SER A 101 -10.51 16.35 -12.63
CA SER A 101 -11.75 15.85 -11.99
C SER A 101 -12.54 14.85 -12.81
N LEU A 102 -12.63 15.09 -14.12
CA LEU A 102 -13.24 14.16 -15.03
C LEU A 102 -12.45 12.84 -15.04
N ARG A 103 -11.13 12.96 -15.14
CA ARG A 103 -10.24 11.79 -15.09
C ARG A 103 -10.47 10.95 -13.82
N SER A 104 -10.52 11.67 -12.70
CA SER A 104 -10.75 11.06 -11.43
C SER A 104 -12.12 10.36 -11.34
N LEU A 105 -13.18 11.02 -11.79
CA LEU A 105 -14.50 10.43 -11.59
C LEU A 105 -14.72 9.24 -12.52
N VAL A 106 -14.16 9.28 -13.74
CA VAL A 106 -14.20 8.12 -14.61
C VAL A 106 -13.35 6.97 -14.03
N ALA A 107 -12.08 7.27 -13.69
CA ALA A 107 -11.16 6.28 -13.08
C ALA A 107 -11.82 5.50 -11.96
N SER A 108 -12.47 6.27 -11.10
CA SER A 108 -13.14 5.78 -9.92
C SER A 108 -14.44 5.01 -10.21
N SER A 109 -15.15 5.40 -11.27
CA SER A 109 -16.31 4.63 -11.73
C SER A 109 -15.89 3.26 -12.28
N GLY A 110 -14.76 3.21 -12.99
CA GLY A 110 -14.14 1.94 -13.34
C GLY A 110 -14.80 1.21 -14.48
N THR A 111 -15.51 1.96 -15.33
CA THR A 111 -16.11 1.43 -16.58
C THR A 111 -16.19 2.49 -17.67
N LEU A 112 -16.05 2.05 -18.93
CA LEU A 112 -16.33 2.88 -20.13
C LEU A 112 -17.63 2.45 -20.87
N GLU A 113 -18.46 1.65 -20.20
CA GLU A 113 -19.78 1.21 -20.72
C GLU A 113 -20.61 2.39 -21.23
N PHE A 114 -20.96 2.32 -22.50
CA PHE A 114 -21.63 3.40 -23.20
C PHE A 114 -22.89 2.88 -23.90
N ASN A 115 -24.05 3.41 -23.52
CA ASN A 115 -25.30 3.19 -24.25
C ASN A 115 -25.56 4.34 -25.22
N ASN A 116 -25.74 4.04 -26.50
CA ASN A 116 -26.18 5.04 -27.48
C ASN A 116 -27.64 5.52 -27.24
N GLU A 117 -27.90 6.78 -27.58
CA GLU A 117 -29.24 7.34 -27.52
C GLU A 117 -29.54 8.14 -28.79
N SER A 118 -30.80 8.05 -29.25
CA SER A 118 -31.27 8.76 -30.45
C SER A 118 -31.79 10.15 -30.11
N PHE A 119 -30.90 11.13 -30.23
CA PHE A 119 -31.26 12.54 -30.03
C PHE A 119 -31.90 13.05 -31.32
N ASN A 120 -32.97 13.83 -31.19
CA ASN A 120 -33.66 14.44 -32.33
C ASN A 120 -32.87 15.66 -32.84
N TRP A 121 -31.92 15.43 -33.75
CA TRP A 121 -31.08 16.49 -34.33
C TRP A 121 -31.58 16.92 -35.74
N THR A 122 -32.88 17.17 -35.87
CA THR A 122 -33.42 17.65 -37.14
C THR A 122 -33.05 19.12 -37.34
N GLY A 123 -32.80 19.49 -38.60
CA GLY A 123 -32.43 20.86 -38.98
C GLY A 123 -30.94 21.12 -39.10
N VAL A 124 -30.11 20.13 -38.74
CA VAL A 124 -28.64 20.19 -38.86
C VAL A 124 -28.05 18.90 -39.47
N THR A 125 -26.83 19.02 -40.02
CA THR A 125 -26.07 17.88 -40.53
C THR A 125 -25.19 17.25 -39.44
N GLN A 126 -25.34 15.94 -39.25
CA GLN A 126 -24.63 15.20 -38.22
C GLN A 126 -23.28 14.67 -38.72
N ASN A 127 -22.51 14.11 -37.80
CA ASN A 127 -21.31 13.32 -38.13
C ASN A 127 -20.21 14.07 -38.87
N GLY A 128 -19.99 15.32 -38.49
CA GLY A 128 -18.86 16.09 -39.03
C GLY A 128 -17.54 15.40 -38.81
N THR A 129 -16.60 15.58 -39.74
CA THR A 129 -15.30 14.89 -39.69
C THR A 129 -14.14 15.85 -39.94
N SER A 130 -12.92 15.34 -39.87
CA SER A 130 -11.71 16.16 -40.07
C SER A 130 -10.49 15.33 -40.48
N SER A 131 -9.56 16.03 -41.16
CA SER A 131 -8.24 15.49 -41.52
C SER A 131 -7.34 15.17 -40.30
N ALA A 132 -7.63 15.75 -39.14
CA ALA A 132 -6.87 15.49 -37.91
C ALA A 132 -7.32 14.26 -37.09
N CYS A 133 -8.39 13.59 -37.51
CA CYS A 133 -8.89 12.41 -36.79
C CYS A 133 -9.17 11.26 -37.77
N ILE A 134 -8.09 10.54 -38.10
CA ILE A 134 -8.09 9.48 -39.10
C ILE A 134 -8.51 8.11 -38.53
N ARG A 135 -9.65 7.58 -38.97
CA ARG A 135 -10.05 6.20 -38.64
C ARG A 135 -10.16 5.34 -39.91
N ARG A 136 -9.29 4.32 -40.01
CA ARG A 136 -9.20 3.40 -41.17
C ARG A 136 -8.89 4.14 -42.49
N SER A 137 -7.86 4.99 -42.44
CA SER A 137 -7.47 5.91 -43.54
C SER A 137 -8.43 7.06 -43.92
N ASN A 138 -9.71 6.97 -43.52
CA ASN A 138 -10.71 8.02 -43.77
C ASN A 138 -10.71 9.12 -42.69
N ASN A 139 -11.16 10.31 -43.10
CA ASN A 139 -11.48 11.38 -42.15
C ASN A 139 -12.65 10.97 -41.21
N SER A 140 -12.41 11.11 -39.90
CA SER A 140 -13.34 10.67 -38.86
C SER A 140 -13.37 11.65 -37.68
N PHE A 141 -13.97 11.19 -36.58
CA PHE A 141 -14.07 11.98 -35.35
C PHE A 141 -14.05 11.08 -34.10
N PHE A 142 -14.09 11.73 -32.94
CA PHE A 142 -14.31 11.07 -31.67
C PHE A 142 -15.56 10.21 -31.72
N SER A 143 -15.39 8.89 -31.50
CA SER A 143 -16.49 7.90 -31.59
C SER A 143 -17.69 8.21 -30.70
N ARG A 144 -17.47 8.82 -29.54
CA ARG A 144 -18.57 9.11 -28.62
C ARG A 144 -19.18 10.49 -28.78
N LEU A 145 -18.57 11.32 -29.62
CA LEU A 145 -19.05 12.65 -29.90
C LEU A 145 -19.64 12.77 -31.32
N ASN A 146 -20.55 13.74 -31.48
CA ASN A 146 -21.29 13.92 -32.73
C ASN A 146 -21.14 15.37 -33.14
N TRP A 147 -20.29 15.63 -34.15
CA TRP A 147 -20.03 16.99 -34.63
C TRP A 147 -21.18 17.46 -35.55
N LEU A 148 -21.95 18.43 -35.07
CA LEU A 148 -23.12 18.98 -35.76
C LEU A 148 -22.77 20.27 -36.53
N THR A 149 -23.10 20.28 -37.84
CA THR A 149 -22.94 21.44 -38.75
C THR A 149 -24.28 21.80 -39.44
N HIS A 150 -24.28 22.87 -40.24
CA HIS A 150 -25.48 23.32 -40.97
C HIS A 150 -26.06 22.29 -41.95
N LEU A 151 -27.37 22.36 -42.19
CA LEU A 151 -28.02 21.67 -43.32
C LEU A 151 -28.59 22.74 -44.25
N LYS A 152 -28.16 22.69 -45.53
CA LYS A 152 -28.50 23.69 -46.56
C LYS A 152 -28.16 25.14 -46.12
N PHE A 153 -26.91 25.32 -45.70
CA PHE A 153 -26.38 26.59 -45.15
C PHE A 153 -27.26 27.27 -44.08
N LYS A 154 -27.93 26.45 -43.27
CA LYS A 154 -28.79 26.92 -42.17
C LYS A 154 -28.68 26.04 -40.90
N TYR A 155 -28.71 26.71 -39.75
CA TYR A 155 -28.52 26.11 -38.43
C TYR A 155 -29.58 26.71 -37.48
N PRO A 156 -30.75 26.04 -37.34
CA PRO A 156 -31.80 26.59 -36.47
C PRO A 156 -31.50 26.37 -34.99
N ALA A 157 -32.33 26.98 -34.14
CA ALA A 157 -32.20 26.82 -32.69
C ALA A 157 -32.53 25.38 -32.31
N LEU A 158 -31.51 24.66 -31.85
CA LEU A 158 -31.69 23.30 -31.38
C LEU A 158 -32.24 23.37 -29.97
N ASN A 159 -33.16 22.46 -29.65
CA ASN A 159 -33.78 22.41 -28.34
C ASN A 159 -34.22 20.97 -28.09
N VAL A 160 -33.26 20.17 -27.64
CA VAL A 160 -33.34 18.71 -27.60
C VAL A 160 -33.32 18.20 -26.17
N THR A 161 -34.22 17.26 -25.89
CA THR A 161 -34.44 16.74 -24.55
C THR A 161 -34.11 15.25 -24.52
N MET A 162 -33.61 14.78 -23.37
CA MET A 162 -33.44 13.34 -23.12
C MET A 162 -33.63 13.04 -21.63
N PRO A 163 -34.72 12.31 -21.29
CA PRO A 163 -34.99 12.07 -19.88
C PRO A 163 -34.28 10.80 -19.40
N ASN A 164 -33.84 10.81 -18.14
CA ASN A 164 -33.27 9.64 -17.51
C ASN A 164 -34.38 8.98 -16.73
N ASN A 165 -34.97 7.94 -17.34
CA ASN A 165 -35.98 7.10 -16.69
C ASN A 165 -35.38 5.80 -16.16
N GLU A 166 -34.06 5.73 -16.15
CA GLU A 166 -33.33 4.55 -15.68
C GLU A 166 -33.09 4.68 -14.19
N LYS A 167 -32.59 3.61 -13.58
CA LYS A 167 -32.35 3.57 -12.13
C LYS A 167 -30.93 3.96 -11.72
N PHE A 168 -30.12 4.37 -12.68
CA PHE A 168 -28.73 4.77 -12.43
C PHE A 168 -28.52 6.18 -12.97
N ASP A 169 -27.44 6.81 -12.50
CA ASP A 169 -26.97 8.07 -13.07
C ASP A 169 -26.51 7.81 -14.50
N LYS A 170 -26.66 8.82 -15.33
CA LYS A 170 -26.09 8.85 -16.66
C LYS A 170 -25.00 9.90 -16.66
N LEU A 171 -23.90 9.62 -17.34
CA LEU A 171 -22.81 10.60 -17.47
C LEU A 171 -22.72 11.02 -18.91
N TYR A 172 -23.01 12.29 -19.19
CA TYR A 172 -22.97 12.83 -20.56
C TYR A 172 -21.71 13.64 -20.78
N ILE A 173 -20.96 13.29 -21.82
CA ILE A 173 -19.80 14.08 -22.27
C ILE A 173 -20.12 14.81 -23.57
N TRP A 174 -19.82 16.11 -23.60
CA TRP A 174 -20.10 17.00 -24.73
C TRP A 174 -19.06 18.12 -24.84
N GLY A 175 -19.19 18.95 -25.85
CA GLY A 175 -18.15 19.93 -26.16
C GLY A 175 -18.59 21.14 -26.97
N VAL A 176 -17.63 22.02 -27.20
CA VAL A 176 -17.81 23.26 -27.94
C VAL A 176 -16.62 23.45 -28.86
N HIS A 177 -16.88 23.66 -30.14
CA HIS A 177 -15.82 23.98 -31.09
C HIS A 177 -15.48 25.46 -31.02
N HIS A 178 -14.19 25.74 -30.83
CA HIS A 178 -13.64 27.09 -30.92
C HIS A 178 -12.94 27.17 -32.27
N PRO A 179 -13.62 27.74 -33.28
CA PRO A 179 -13.00 27.74 -34.60
C PRO A 179 -11.80 28.68 -34.69
N GLY A 180 -10.85 28.33 -35.55
CA GLY A 180 -9.55 29.00 -35.63
C GLY A 180 -9.57 30.37 -36.27
N THR A 181 -10.50 30.58 -37.22
CA THR A 181 -10.72 31.90 -37.85
C THR A 181 -12.22 32.15 -38.11
N ASP A 182 -12.53 33.38 -38.54
CA ASP A 182 -13.91 33.79 -38.92
C ASP A 182 -14.49 32.91 -40.05
N ASN A 183 -13.63 32.49 -40.97
CA ASN A 183 -13.96 31.55 -42.06
C ASN A 183 -14.52 30.21 -41.56
N ASP A 184 -13.95 29.68 -40.48
CA ASP A 184 -14.39 28.40 -39.89
C ASP A 184 -15.55 28.52 -38.86
N GLN A 185 -16.04 29.75 -38.62
CA GLN A 185 -17.30 29.94 -37.88
C GLN A 185 -18.50 30.04 -38.84
N ILE A 186 -18.31 30.66 -40.01
CA ILE A 186 -19.40 30.85 -40.99
C ILE A 186 -19.59 29.63 -41.92
N PHE A 187 -18.50 28.91 -42.24
CA PHE A 187 -18.57 27.74 -43.14
C PHE A 187 -19.41 26.57 -42.60
N PRO A 188 -19.12 26.08 -41.36
CA PRO A 188 -19.88 24.94 -40.81
C PRO A 188 -21.21 25.27 -40.10
N TYR A 189 -21.32 26.44 -39.48
CA TYR A 189 -22.53 26.83 -38.69
C TYR A 189 -23.43 27.91 -39.33
N ALA A 190 -22.95 28.60 -40.37
CA ALA A 190 -23.74 29.57 -41.16
C ALA A 190 -24.15 30.88 -40.47
N GLN A 191 -23.50 31.23 -39.35
CA GLN A 191 -23.83 32.44 -38.58
C GLN A 191 -22.70 32.83 -37.62
N ALA A 192 -22.62 34.13 -37.32
CA ALA A 192 -21.42 34.75 -36.68
C ALA A 192 -21.01 34.28 -35.27
N SER A 193 -21.95 33.73 -34.49
CA SER A 193 -21.73 33.46 -33.07
C SER A 193 -22.56 32.28 -32.55
N GLY A 194 -21.89 31.19 -32.17
CA GLY A 194 -22.56 30.04 -31.54
C GLY A 194 -22.84 30.29 -30.07
N ARG A 195 -23.62 29.41 -29.45
CA ARG A 195 -23.81 29.41 -27.99
C ARG A 195 -24.47 28.10 -27.55
N ILE A 196 -23.99 27.55 -26.43
CA ILE A 196 -24.48 26.26 -25.94
C ILE A 196 -24.94 26.37 -24.50
N THR A 197 -26.05 25.71 -24.18
CA THR A 197 -26.58 25.69 -22.81
C THR A 197 -27.10 24.27 -22.51
N VAL A 198 -26.37 23.55 -21.66
CA VAL A 198 -26.78 22.22 -21.23
C VAL A 198 -27.31 22.34 -19.81
N SER A 199 -28.57 21.94 -19.62
CA SER A 199 -29.24 22.06 -18.33
C SER A 199 -30.00 20.81 -17.87
N THR A 200 -30.33 20.83 -16.58
CA THR A 200 -31.18 19.83 -15.94
C THR A 200 -32.08 20.55 -14.92
N LYS A 201 -32.91 19.81 -14.21
CA LYS A 201 -33.70 20.39 -13.11
C LYS A 201 -32.85 21.02 -11.97
N ARG A 202 -31.65 20.48 -11.75
CA ARG A 202 -30.77 20.94 -10.69
C ARG A 202 -29.54 21.74 -11.15
N SER A 203 -29.28 21.81 -12.46
CA SER A 203 -28.00 22.35 -12.98
C SER A 203 -28.12 23.01 -14.36
N GLN A 204 -27.21 23.95 -14.63
CA GLN A 204 -27.08 24.56 -15.95
C GLN A 204 -25.62 24.91 -16.20
N GLN A 205 -25.12 24.60 -17.40
CA GLN A 205 -23.80 25.02 -17.86
C GLN A 205 -23.95 25.69 -19.22
N THR A 206 -23.49 26.93 -19.32
CA THR A 206 -23.57 27.72 -20.56
C THR A 206 -22.15 28.02 -21.04
N VAL A 207 -21.92 27.91 -22.35
CA VAL A 207 -20.59 28.03 -22.93
C VAL A 207 -20.66 28.89 -24.20
N ILE A 208 -19.83 29.95 -24.23
CA ILE A 208 -19.72 30.89 -25.35
C ILE A 208 -18.50 30.47 -26.18
N PRO A 209 -18.70 30.08 -27.45
CA PRO A 209 -17.52 29.82 -28.28
C PRO A 209 -16.75 31.08 -28.56
N ASN A 210 -15.50 30.89 -28.91
CA ASN A 210 -14.51 31.94 -28.88
C ASN A 210 -13.63 31.77 -30.11
N ILE A 211 -13.85 32.63 -31.11
CA ILE A 211 -13.12 32.58 -32.39
C ILE A 211 -11.71 33.20 -32.22
N GLY A 212 -10.71 32.56 -32.84
CA GLY A 212 -9.32 32.99 -32.70
C GLY A 212 -8.35 31.85 -32.88
N SER A 213 -7.10 32.18 -33.23
CA SER A 213 -6.08 31.16 -33.47
C SER A 213 -5.43 30.78 -32.14
N ARG A 214 -5.17 29.48 -31.99
CA ARG A 214 -4.27 28.94 -30.97
C ARG A 214 -3.04 28.46 -31.75
N PRO A 215 -1.88 28.36 -31.07
CA PRO A 215 -0.75 27.66 -31.72
C PRO A 215 -1.22 26.30 -32.22
N ARG A 216 -0.79 25.92 -33.41
CA ARG A 216 -1.30 24.70 -34.04
C ARG A 216 -0.78 23.46 -33.31
N VAL A 217 -1.64 22.47 -33.16
CA VAL A 217 -1.29 21.17 -32.59
C VAL A 217 -1.67 20.15 -33.63
N ARG A 218 -0.67 19.51 -34.23
CA ARG A 218 -0.84 18.59 -35.36
C ARG A 218 -1.54 19.34 -36.53
N ASN A 219 -0.96 20.51 -36.83
CA ASN A 219 -1.41 21.45 -37.90
C ASN A 219 -2.76 22.21 -37.67
N ILE A 220 -3.48 21.91 -36.58
CA ILE A 220 -4.82 22.48 -36.34
C ILE A 220 -4.76 23.63 -35.32
N PRO A 221 -5.23 24.84 -35.70
CA PRO A 221 -5.24 25.96 -34.76
C PRO A 221 -6.56 26.16 -34.00
N SER A 222 -7.60 25.39 -34.33
CA SER A 222 -8.84 25.42 -33.55
C SER A 222 -8.75 24.48 -32.35
N ARG A 223 -9.78 24.48 -31.49
CA ARG A 223 -9.84 23.63 -30.31
C ARG A 223 -11.25 23.18 -30.00
N ILE A 224 -11.40 22.00 -29.42
CA ILE A 224 -12.62 21.62 -28.73
C ILE A 224 -12.43 21.71 -27.20
N SER A 225 -13.44 22.20 -26.50
CA SER A 225 -13.44 22.22 -25.03
C SER A 225 -14.49 21.25 -24.54
N ILE A 226 -14.07 20.28 -23.73
CA ILE A 226 -14.95 19.21 -23.27
C ILE A 226 -15.54 19.51 -21.90
N TYR A 227 -16.85 19.28 -21.77
CA TYR A 227 -17.61 19.44 -20.53
C TYR A 227 -18.43 18.18 -20.25
N TRP A 228 -18.87 18.04 -19.01
CA TRP A 228 -19.66 16.88 -18.62
C TRP A 228 -20.84 17.30 -17.76
N THR A 229 -21.84 16.42 -17.79
CA THR A 229 -23.10 16.61 -17.08
C THR A 229 -23.57 15.24 -16.60
N ILE A 230 -23.89 15.14 -15.33
CA ILE A 230 -24.41 13.92 -14.74
C ILE A 230 -25.90 14.11 -14.60
N VAL A 231 -26.68 13.11 -15.02
CA VAL A 231 -28.14 13.22 -14.93
C VAL A 231 -28.73 12.07 -14.10
N LYS A 232 -29.39 12.46 -13.02
CA LYS A 232 -29.98 11.52 -12.05
C LYS A 232 -31.31 10.91 -12.56
N PRO A 233 -31.76 9.80 -11.96
CA PRO A 233 -33.10 9.26 -12.22
C PRO A 233 -34.21 10.28 -11.93
N GLY A 234 -35.16 10.40 -12.86
CA GLY A 234 -36.26 11.38 -12.76
C GLY A 234 -35.94 12.75 -13.31
N ASP A 235 -34.66 12.96 -13.62
CA ASP A 235 -34.17 14.24 -14.09
C ASP A 235 -34.07 14.12 -15.61
N ILE A 236 -33.82 15.25 -16.27
CA ILE A 236 -33.86 15.36 -17.74
C ILE A 236 -32.72 16.25 -18.24
N LEU A 237 -32.07 15.84 -19.33
CA LEU A 237 -31.02 16.63 -19.98
C LEU A 237 -31.67 17.53 -21.03
N LEU A 238 -31.16 18.75 -21.18
CA LEU A 238 -31.68 19.71 -22.19
C LEU A 238 -30.54 20.46 -22.85
N ILE A 239 -30.46 20.36 -24.17
CA ILE A 239 -29.45 21.08 -24.94
C ILE A 239 -30.12 22.14 -25.85
N ASN A 240 -30.01 23.41 -25.45
CA ASN A 240 -30.22 24.59 -26.32
C ASN A 240 -28.87 24.87 -27.01
N SER A 241 -28.88 25.03 -28.33
CA SER A 241 -27.67 25.45 -29.05
C SER A 241 -27.99 26.26 -30.30
N THR A 242 -27.17 27.28 -30.54
CA THR A 242 -27.29 28.14 -31.73
C THR A 242 -26.02 28.08 -32.59
N GLY A 243 -25.30 26.96 -32.52
CA GLY A 243 -24.00 26.81 -33.20
C GLY A 243 -22.96 26.15 -32.31
N ASN A 244 -21.98 25.48 -32.94
CA ASN A 244 -20.74 25.02 -32.29
C ASN A 244 -20.86 23.83 -31.31
N LEU A 245 -22.01 23.16 -31.29
CA LEU A 245 -22.23 22.03 -30.38
C LEU A 245 -21.53 20.76 -30.88
N ILE A 246 -20.60 20.25 -30.06
CA ILE A 246 -20.04 18.91 -30.21
C ILE A 246 -20.89 18.08 -29.26
N ALA A 247 -21.75 17.26 -29.83
CA ALA A 247 -22.86 16.66 -29.09
C ALA A 247 -22.55 15.24 -28.70
N PRO A 248 -23.23 14.74 -27.66
CA PRO A 248 -23.08 13.32 -27.30
C PRO A 248 -23.86 12.42 -28.25
N ARG A 249 -23.40 11.18 -28.40
CA ARG A 249 -24.16 10.11 -29.05
C ARG A 249 -24.95 9.25 -28.04
N GLY A 250 -24.73 9.51 -26.74
CA GLY A 250 -25.38 8.79 -25.66
C GLY A 250 -24.75 9.08 -24.32
N TYR A 251 -24.78 8.10 -23.43
CA TYR A 251 -24.25 8.30 -22.07
C TYR A 251 -23.35 7.17 -21.62
N PHE A 252 -22.53 7.49 -20.61
CA PHE A 252 -21.75 6.51 -19.88
C PHE A 252 -22.45 6.14 -18.57
N LYS A 253 -22.42 4.85 -18.25
CA LYS A 253 -22.83 4.38 -16.93
C LYS A 253 -21.73 4.80 -15.96
N ILE A 254 -22.13 5.44 -14.87
CA ILE A 254 -21.19 5.81 -13.81
C ILE A 254 -21.54 4.94 -12.61
N ARG A 255 -20.59 4.09 -12.19
CA ARG A 255 -20.74 3.22 -11.02
C ARG A 255 -19.96 3.78 -9.85
N SER A 256 -20.18 3.21 -8.68
CA SER A 256 -19.23 3.37 -7.58
C SER A 256 -18.58 2.03 -7.29
N GLY A 257 -17.30 2.06 -6.92
CA GLY A 257 -16.60 0.83 -6.57
C GLY A 257 -15.16 1.06 -6.17
N LYS A 258 -14.34 0.05 -6.39
CA LYS A 258 -12.96 0.03 -5.92
C LYS A 258 -11.99 0.56 -6.97
N SER A 259 -12.43 1.13 -8.08
CA SER A 259 -11.52 1.34 -9.20
C SER A 259 -10.71 2.63 -9.05
N SER A 260 -9.61 2.69 -9.80
CA SER A 260 -8.77 3.88 -9.84
C SER A 260 -7.82 3.85 -11.03
N ILE A 261 -6.88 4.78 -11.03
CA ILE A 261 -5.93 4.97 -12.09
C ILE A 261 -4.56 5.28 -11.49
N MET A 262 -3.52 4.91 -12.21
CA MET A 262 -2.15 5.01 -11.78
C MET A 262 -1.23 5.30 -12.97
N ARG A 263 -0.36 6.30 -12.84
CA ARG A 263 0.73 6.55 -13.80
C ARG A 263 1.91 5.67 -13.49
N SER A 264 2.28 4.84 -14.46
CA SER A 264 3.41 3.90 -14.33
C SER A 264 3.93 3.49 -15.69
N ASP A 265 5.22 3.21 -15.78
CA ASP A 265 5.79 2.55 -16.96
C ASP A 265 6.25 1.11 -16.73
N ALA A 266 5.86 0.53 -15.61
CA ALA A 266 6.21 -0.85 -15.33
C ALA A 266 5.45 -1.76 -16.32
N PRO A 267 6.11 -2.82 -16.83
CA PRO A 267 5.34 -3.77 -17.63
C PRO A 267 4.37 -4.64 -16.81
N ILE A 268 3.38 -5.18 -17.51
CA ILE A 268 2.37 -6.04 -16.92
C ILE A 268 2.90 -7.47 -17.00
N GLY A 269 2.89 -8.20 -15.88
CA GLY A 269 3.36 -9.58 -15.81
C GLY A 269 2.21 -10.52 -15.53
N LYS A 270 2.42 -11.80 -15.85
CA LYS A 270 1.47 -12.87 -15.53
C LYS A 270 1.87 -13.40 -14.15
N CYS A 271 1.27 -12.84 -13.12
CA CYS A 271 1.66 -13.13 -11.75
C CYS A 271 0.55 -12.58 -10.83
N ASN A 272 0.57 -12.99 -9.57
CA ASN A 272 -0.47 -12.67 -8.61
C ASN A 272 0.12 -11.85 -7.48
N SER A 273 -0.37 -10.64 -7.28
CA SER A 273 0.08 -9.78 -6.19
C SER A 273 -0.99 -8.76 -5.77
N GLU A 274 -1.32 -8.73 -4.48
CA GLU A 274 -2.39 -7.84 -3.98
C GLU A 274 -2.02 -6.36 -4.06
N CYS A 275 -0.72 -6.01 -3.98
CA CYS A 275 -0.30 -4.59 -3.86
C CYS A 275 0.41 -4.16 -5.10
N ILE A 276 -0.07 -3.08 -5.70
CA ILE A 276 0.55 -2.46 -6.87
C ILE A 276 1.09 -1.07 -6.50
N THR A 277 2.32 -0.80 -6.92
CA THR A 277 2.86 0.56 -6.90
C THR A 277 3.22 0.89 -8.31
N PRO A 278 3.55 2.16 -8.59
CA PRO A 278 4.08 2.51 -9.92
C PRO A 278 5.42 1.85 -10.31
N ASN A 279 6.23 1.45 -9.33
CA ASN A 279 7.49 0.73 -9.59
C ASN A 279 7.25 -0.76 -9.86
N GLY A 280 6.03 -1.23 -9.71
CA GLY A 280 5.73 -2.64 -9.78
C GLY A 280 4.99 -3.10 -8.54
N SER A 281 4.50 -4.32 -8.60
CA SER A 281 3.90 -4.95 -7.45
C SER A 281 4.96 -5.23 -6.36
N ILE A 282 4.51 -5.22 -5.12
CA ILE A 282 5.37 -5.51 -3.98
C ILE A 282 4.65 -6.50 -3.09
N PRO A 283 5.39 -7.36 -2.40
CA PRO A 283 4.77 -8.21 -1.39
C PRO A 283 4.18 -7.38 -0.24
N ASN A 284 3.17 -7.92 0.41
CA ASN A 284 2.47 -7.21 1.46
C ASN A 284 2.50 -7.93 2.82
N ASP A 285 3.47 -8.83 3.01
CA ASP A 285 3.75 -9.40 4.34
C ASP A 285 4.20 -8.34 5.37
N LYS A 286 5.06 -7.41 4.98
CA LYS A 286 5.54 -6.41 5.93
C LYS A 286 4.48 -5.33 6.15
N PRO A 287 4.47 -4.69 7.34
CA PRO A 287 3.49 -3.63 7.60
C PRO A 287 3.83 -2.31 6.99
N PHE A 288 5.09 -2.07 6.62
CA PHE A 288 5.52 -0.79 6.09
C PHE A 288 6.29 -1.00 4.79
N GLN A 289 6.44 0.08 4.01
CA GLN A 289 7.19 0.02 2.75
C GLN A 289 7.72 1.38 2.40
N ASN A 290 8.90 1.45 1.79
CA ASN A 290 9.36 2.73 1.26
C ASN A 290 9.57 2.74 -0.24
N VAL A 291 8.73 2.00 -0.96
CA VAL A 291 8.87 1.92 -2.39
C VAL A 291 8.19 3.13 -3.05
N ASN A 292 6.94 3.39 -2.70
CA ASN A 292 6.22 4.51 -3.30
C ASN A 292 5.07 4.91 -2.43
N ARG A 293 4.86 6.21 -2.29
CA ARG A 293 3.67 6.75 -1.66
C ARG A 293 2.37 6.46 -2.45
N ILE A 294 2.47 6.18 -3.74
CA ILE A 294 1.31 5.86 -4.54
C ILE A 294 1.13 4.36 -4.49
N THR A 295 -0.02 3.88 -4.02
CA THR A 295 -0.29 2.44 -3.99
C THR A 295 -1.75 2.10 -4.34
N TYR A 296 -2.00 0.84 -4.65
CA TYR A 296 -3.36 0.38 -4.91
C TYR A 296 -3.44 -1.06 -4.40
N GLY A 297 -4.48 -1.36 -3.63
CA GLY A 297 -4.74 -2.71 -3.15
C GLY A 297 -4.38 -2.86 -1.69
N ALA A 298 -4.09 -4.08 -1.27
CA ALA A 298 -3.78 -4.34 0.13
C ALA A 298 -2.29 -4.19 0.31
N CYS A 299 -1.89 -3.01 0.75
CA CYS A 299 -0.52 -2.56 0.70
C CYS A 299 0.02 -2.23 2.08
N PRO A 300 1.33 -2.43 2.28
CA PRO A 300 1.98 -1.87 3.45
C PRO A 300 1.94 -0.35 3.40
N ARG A 301 1.95 0.28 4.57
CA ARG A 301 1.91 1.73 4.66
C ARG A 301 3.27 2.34 4.33
N TYR A 302 3.25 3.45 3.61
CA TYR A 302 4.45 4.15 3.21
C TYR A 302 5.07 4.92 4.38
N VAL A 303 6.35 4.72 4.60
CA VAL A 303 7.13 5.43 5.61
C VAL A 303 8.42 5.92 4.99
N LYS A 304 9.02 6.91 5.62
CA LYS A 304 10.27 7.51 5.14
C LYS A 304 11.51 6.64 5.37
N GLN A 305 11.47 5.76 6.36
CA GLN A 305 12.62 4.92 6.68
C GLN A 305 12.86 3.82 5.64
N ASN A 306 14.12 3.42 5.49
CA ASN A 306 14.50 2.36 4.55
C ASN A 306 14.56 0.98 5.22
N THR A 307 14.68 0.95 6.54
CA THR A 307 14.76 -0.31 7.25
C THR A 307 14.23 -0.06 8.64
N LEU A 308 13.56 -1.04 9.20
CA LEU A 308 13.16 -1.03 10.59
C LEU A 308 13.24 -2.45 11.07
N LYS A 309 14.23 -2.76 11.89
CA LYS A 309 14.43 -4.12 12.36
C LYS A 309 13.65 -4.37 13.66
N LEU A 310 12.72 -5.32 13.64
CA LEU A 310 12.10 -5.82 14.86
C LEU A 310 12.89 -7.01 15.42
N ALA A 311 13.33 -6.94 16.68
CA ALA A 311 13.98 -8.08 17.34
C ALA A 311 13.04 -9.27 17.47
N THR A 312 13.54 -10.44 17.13
CA THR A 312 12.80 -11.65 17.30
C THR A 312 13.56 -12.62 18.15
N GLY A 313 14.52 -12.12 18.92
CA GLY A 313 15.29 -12.93 19.84
C GLY A 313 15.91 -12.06 20.93
N MET A 314 16.43 -12.74 21.96
CA MET A 314 17.06 -12.06 23.06
C MET A 314 18.30 -11.30 22.66
N ARG A 315 18.73 -10.45 23.56
CA ARG A 315 20.00 -9.79 23.42
C ARG A 315 21.14 -10.81 23.22
N ASN A 316 22.06 -10.51 22.31
CA ASN A 316 23.17 -11.41 22.02
C ASN A 316 24.42 -11.02 22.83
N VAL A 317 24.86 -11.91 23.71
CA VAL A 317 26.01 -11.63 24.58
C VAL A 317 27.08 -12.71 24.34
N PRO A 318 27.98 -12.45 23.37
CA PRO A 318 28.88 -13.51 22.91
C PRO A 318 29.94 -13.95 23.93
N GLU A 319 30.45 -15.17 23.73
CA GLU A 319 31.19 -15.99 24.72
C GLU A 319 32.65 -15.56 24.92
N GLY B 1 17.22 -6.65 29.89
CA GLY B 1 18.17 -6.05 30.89
C GLY B 1 17.56 -5.56 32.19
N ILE B 2 16.24 -5.36 32.20
CA ILE B 2 15.60 -4.73 33.33
C ILE B 2 15.50 -5.67 34.53
N PHE B 3 15.58 -6.99 34.28
CA PHE B 3 15.60 -8.01 35.36
C PHE B 3 16.98 -8.42 35.84
N GLY B 4 18.02 -8.15 35.06
CA GLY B 4 19.37 -8.31 35.58
C GLY B 4 20.04 -9.64 35.29
N ALA B 5 19.40 -10.51 34.53
CA ALA B 5 19.96 -11.83 34.24
C ALA B 5 20.79 -11.84 32.97
N ILE B 6 20.15 -11.62 31.80
CA ILE B 6 20.85 -11.60 30.50
C ILE B 6 21.63 -10.30 30.44
N ALA B 7 22.90 -10.41 30.09
CA ALA B 7 23.85 -9.28 30.14
C ALA B 7 23.95 -8.61 31.53
N GLY B 8 23.68 -9.38 32.58
CA GLY B 8 23.85 -8.97 33.98
C GLY B 8 24.57 -10.08 34.73
N PHE B 9 23.92 -10.71 35.70
CA PHE B 9 24.61 -11.70 36.53
C PHE B 9 24.96 -12.99 35.76
N ILE B 10 24.29 -13.30 34.64
CA ILE B 10 24.80 -14.31 33.72
CA ILE B 10 24.78 -14.32 33.69
C ILE B 10 25.78 -13.59 32.80
N GLU B 11 27.06 -13.95 32.88
CA GLU B 11 28.09 -13.17 32.16
C GLU B 11 27.97 -13.19 30.64
N ASN B 12 27.65 -14.33 30.06
CA ASN B 12 27.44 -14.40 28.62
C ASN B 12 26.52 -15.54 28.22
N GLY B 13 26.11 -15.49 26.97
CA GLY B 13 25.36 -16.57 26.35
C GLY B 13 26.29 -17.70 25.97
N TRP B 14 25.66 -18.81 25.60
CA TRP B 14 26.31 -20.05 25.20
C TRP B 14 26.04 -20.30 23.74
N GLU B 15 27.02 -20.07 22.88
CA GLU B 15 26.92 -20.44 21.44
C GLU B 15 26.72 -21.95 21.17
N GLY B 16 27.22 -22.80 22.07
CA GLY B 16 27.00 -24.25 21.96
C GLY B 16 25.61 -24.78 22.33
N MET B 17 24.70 -23.91 22.77
CA MET B 17 23.33 -24.35 22.96
C MET B 17 22.51 -23.97 21.72
N VAL B 18 22.18 -24.99 20.93
CA VAL B 18 21.45 -24.83 19.68
C VAL B 18 20.07 -25.50 19.69
N ASP B 19 19.65 -26.11 20.78
CA ASP B 19 18.36 -26.81 20.81
C ASP B 19 17.34 -26.10 21.69
N GLY B 20 17.71 -24.91 22.15
CA GLY B 20 16.85 -24.10 23.01
C GLY B 20 17.47 -22.73 23.31
N TRP B 21 16.64 -21.87 23.88
CA TRP B 21 17.04 -20.50 24.19
C TRP B 21 17.60 -20.39 25.60
N TYR B 22 17.13 -21.24 26.50
CA TYR B 22 17.53 -21.26 27.89
C TYR B 22 17.82 -22.71 28.23
N GLY B 23 18.65 -22.91 29.25
CA GLY B 23 19.02 -24.24 29.66
C GLY B 23 19.95 -24.31 30.85
N PHE B 24 20.52 -25.50 31.02
CA PHE B 24 21.27 -25.90 32.20
C PHE B 24 22.62 -26.49 31.80
N ARG B 25 23.67 -26.10 32.50
CA ARG B 25 24.95 -26.78 32.43
C ARG B 25 25.32 -27.26 33.81
N HIS B 26 25.99 -28.40 33.89
CA HIS B 26 26.30 -29.02 35.18
C HIS B 26 27.66 -29.66 35.17
N GLN B 27 28.20 -29.81 36.37
CA GLN B 27 29.37 -30.63 36.62
C GLN B 27 29.07 -31.50 37.82
N ASN B 28 29.28 -32.79 37.67
CA ASN B 28 29.08 -33.70 38.77
C ASN B 28 30.13 -34.81 38.68
N SER B 29 29.93 -35.89 39.42
CA SER B 29 30.81 -37.08 39.41
C SER B 29 30.92 -37.71 38.03
N GLU B 30 29.80 -37.76 37.31
CA GLU B 30 29.72 -38.39 36.01
C GLU B 30 30.19 -37.51 34.83
N GLY B 31 30.70 -36.29 35.09
CA GLY B 31 31.16 -35.37 34.03
C GLY B 31 30.50 -33.99 33.94
N ILE B 32 30.55 -33.37 32.75
CA ILE B 32 30.07 -32.00 32.49
C ILE B 32 29.08 -31.97 31.33
N GLY B 33 27.85 -31.53 31.56
CA GLY B 33 26.85 -31.59 30.51
C GLY B 33 25.97 -30.37 30.35
N GLN B 34 25.14 -30.42 29.31
CA GLN B 34 24.25 -29.34 28.90
C GLN B 34 22.90 -29.89 28.47
N ALA B 35 21.83 -29.19 28.82
CA ALA B 35 20.49 -29.51 28.33
C ALA B 35 19.59 -28.25 28.26
N ALA B 36 18.88 -28.11 27.15
CA ALA B 36 17.94 -26.97 26.96
C ALA B 36 16.69 -27.14 27.81
N ASP B 37 16.09 -26.05 28.28
CA ASP B 37 14.77 -26.05 28.95
C ASP B 37 13.77 -25.62 27.91
N LEU B 38 12.82 -26.49 27.60
CA LEU B 38 11.88 -26.25 26.50
CA LEU B 38 11.84 -26.29 26.51
C LEU B 38 10.75 -25.31 26.92
N LYS B 39 10.23 -25.48 28.13
CA LYS B 39 9.13 -24.65 28.63
C LYS B 39 9.42 -23.14 28.63
N SER B 40 10.58 -22.73 29.13
CA SER B 40 10.96 -21.31 29.17
C SER B 40 11.29 -20.80 27.77
N THR B 41 11.90 -21.66 26.96
CA THR B 41 12.14 -21.37 25.56
C THR B 41 10.85 -21.09 24.78
N GLN B 42 9.87 -21.95 24.96
CA GLN B 42 8.59 -21.86 24.26
C GLN B 42 7.82 -20.63 24.78
N ALA B 43 7.94 -20.34 26.08
CA ALA B 43 7.27 -19.16 26.65
C ALA B 43 7.75 -17.87 26.00
N ALA B 44 9.06 -17.73 25.80
CA ALA B 44 9.63 -16.58 25.10
C ALA B 44 9.21 -16.52 23.64
N ILE B 45 9.37 -17.63 22.96
CA ILE B 45 8.97 -17.78 21.55
C ILE B 45 7.48 -17.49 21.33
N ASP B 46 6.59 -18.03 22.15
CA ASP B 46 5.16 -17.69 22.02
C ASP B 46 4.85 -16.19 22.09
N GLN B 47 5.54 -15.51 23.00
CA GLN B 47 5.35 -14.08 23.18
C GLN B 47 5.83 -13.29 21.98
N ILE B 48 6.99 -13.65 21.43
CA ILE B 48 7.51 -13.00 20.23
C ILE B 48 6.62 -13.28 19.02
N ASN B 49 6.16 -14.52 18.87
CA ASN B 49 5.21 -14.84 17.78
C ASN B 49 3.92 -14.04 17.91
N GLY B 50 3.50 -13.77 19.15
CA GLY B 50 2.33 -12.94 19.42
C GLY B 50 2.51 -11.54 18.84
N LYS B 51 3.67 -10.93 19.07
CA LYS B 51 3.97 -9.65 18.44
C LYS B 51 4.02 -9.75 16.95
N LEU B 52 4.64 -10.81 16.42
CA LEU B 52 4.66 -10.99 14.98
C LEU B 52 3.26 -11.12 14.36
N ASN B 53 2.35 -11.82 15.04
CA ASN B 53 1.01 -12.00 14.50
CA ASN B 53 0.96 -11.99 14.57
C ASN B 53 0.28 -10.65 14.35
N ARG B 54 0.63 -9.70 15.20
CA ARG B 54 0.05 -8.35 15.19
C ARG B 54 0.69 -7.41 14.18
N LEU B 55 1.80 -7.84 13.56
CA LEU B 55 2.49 -6.99 12.60
C LEU B 55 2.63 -7.54 11.21
N ILE B 56 2.83 -8.84 11.07
CA ILE B 56 3.07 -9.47 9.76
C ILE B 56 1.72 -9.83 9.14
N GLY B 57 1.58 -9.60 7.83
CA GLY B 57 0.39 -10.00 7.05
C GLY B 57 -0.96 -9.39 7.43
N LYS B 58 -0.98 -8.15 7.93
CA LYS B 58 -2.19 -7.50 8.50
C LYS B 58 -2.60 -6.21 7.78
N THR B 59 -2.28 -6.12 6.49
CA THR B 59 -2.39 -4.83 5.75
C THR B 59 -3.84 -4.41 5.41
N ASN B 60 -4.01 -3.11 5.14
N ASN B 60 -3.94 -3.13 5.03
CA ASN B 60 -5.33 -2.51 4.84
CA ASN B 60 -5.18 -2.39 4.78
C ASN B 60 -5.42 -2.04 3.38
C ASN B 60 -5.37 -2.06 3.30
N GLU B 61 -6.51 -2.42 2.73
CA GLU B 61 -6.80 -2.09 1.34
C GLU B 61 -7.18 -0.64 1.15
N LYS B 62 -6.48 0.02 0.23
CA LYS B 62 -6.92 1.31 -0.25
C LYS B 62 -7.01 1.27 -1.77
N PHE B 63 -7.91 2.08 -2.29
CA PHE B 63 -8.24 2.06 -3.71
C PHE B 63 -8.01 3.45 -4.27
N HIS B 64 -9.03 4.11 -4.82
CA HIS B 64 -8.87 5.46 -5.32
C HIS B 64 -8.55 6.43 -4.21
N GLN B 65 -7.53 7.26 -4.42
CA GLN B 65 -7.01 8.13 -3.38
CA GLN B 65 -7.03 8.14 -3.36
C GLN B 65 -6.93 9.54 -3.96
N ILE B 66 -5.85 10.28 -3.75
CA ILE B 66 -5.62 11.56 -4.36
C ILE B 66 -4.35 11.41 -5.18
N GLU B 67 -4.11 12.40 -6.03
CA GLU B 67 -2.89 12.49 -6.77
C GLU B 67 -1.76 12.95 -5.82
N LYS B 68 -0.57 12.39 -6.06
CA LYS B 68 0.61 12.62 -5.26
C LYS B 68 1.85 13.05 -6.04
N GLU B 69 1.74 13.17 -7.35
CA GLU B 69 2.80 13.71 -8.20
C GLU B 69 2.09 14.62 -9.16
N PHE B 70 2.77 15.66 -9.62
CA PHE B 70 2.15 16.70 -10.44
C PHE B 70 3.10 17.20 -11.51
N SER B 71 2.59 17.37 -12.72
CA SER B 71 3.39 17.87 -13.84
C SER B 71 3.34 19.41 -13.98
N GLU B 72 2.26 20.04 -13.52
CA GLU B 72 2.11 21.52 -13.56
C GLU B 72 2.16 22.17 -12.18
N VAL B 73 2.62 23.42 -12.16
CA VAL B 73 2.43 24.33 -11.05
C VAL B 73 0.96 24.77 -11.03
N GLU B 74 0.29 24.65 -9.89
CA GLU B 74 -1.12 25.10 -9.73
C GLU B 74 -1.41 25.96 -8.49
N GLY B 75 -0.55 25.93 -7.49
CA GLY B 75 -0.81 26.71 -6.28
C GLY B 75 -1.74 26.04 -5.28
N ARG B 76 -2.75 26.79 -4.82
CA ARG B 76 -3.45 26.53 -3.57
C ARG B 76 -3.85 25.07 -3.35
N ILE B 77 -4.60 24.52 -4.29
CA ILE B 77 -5.15 23.20 -4.11
C ILE B 77 -4.07 22.12 -4.19
N GLN B 78 -3.08 22.30 -5.04
CA GLN B 78 -1.94 21.40 -5.06
C GLN B 78 -1.11 21.47 -3.77
N ASP B 79 -0.98 22.67 -3.19
CA ASP B 79 -0.30 22.81 -1.91
C ASP B 79 -0.96 21.95 -0.82
N LEU B 80 -2.29 22.01 -0.78
CA LEU B 80 -3.08 21.27 0.18
C LEU B 80 -2.93 19.78 -0.02
N GLU B 81 -2.99 19.31 -1.28
CA GLU B 81 -2.80 17.89 -1.60
C GLU B 81 -1.44 17.35 -1.15
N LYS B 82 -0.37 18.08 -1.45
CA LYS B 82 0.98 17.73 -1.03
C LYS B 82 1.12 17.75 0.49
N TYR B 83 0.51 18.77 1.10
CA TYR B 83 0.59 18.92 2.56
C TYR B 83 -0.09 17.79 3.29
N VAL B 84 -1.24 17.35 2.78
CA VAL B 84 -1.97 16.26 3.39
C VAL B 84 -1.14 14.99 3.32
N GLU B 85 -0.55 14.72 2.17
CA GLU B 85 0.18 13.47 2.03
C GLU B 85 1.47 13.52 2.88
N ASP B 86 2.15 14.66 2.91
CA ASP B 86 3.37 14.82 3.71
C ASP B 86 3.09 14.68 5.25
N THR B 87 1.96 15.25 5.67
CA THR B 87 1.47 15.10 7.02
C THR B 87 1.24 13.65 7.39
N LYS B 88 0.52 12.97 6.52
CA LYS B 88 0.20 11.57 6.70
C LYS B 88 1.45 10.72 6.83
N ILE B 89 2.40 10.95 5.93
CA ILE B 89 3.62 10.17 5.91
C ILE B 89 4.48 10.40 7.16
N ASP B 90 4.56 11.63 7.65
CA ASP B 90 5.33 11.85 8.87
C ASP B 90 4.68 11.15 10.05
N LEU B 91 3.35 11.11 10.11
CA LEU B 91 2.68 10.48 11.24
C LEU B 91 2.87 8.98 11.26
N TRP B 92 2.77 8.34 10.10
CA TRP B 92 3.02 6.90 10.02
C TRP B 92 4.45 6.54 10.25
N SER B 93 5.37 7.38 9.76
CA SER B 93 6.79 7.18 9.97
C SER B 93 7.12 7.27 11.47
N TYR B 94 6.51 8.22 12.16
CA TYR B 94 6.59 8.28 13.59
C TYR B 94 6.02 7.03 14.28
N ASN B 95 4.85 6.57 13.84
CA ASN B 95 4.27 5.38 14.43
C ASN B 95 5.19 4.18 14.30
N ALA B 96 5.83 4.05 13.13
CA ALA B 96 6.68 2.90 12.83
C ALA B 96 7.95 2.90 13.67
N GLU B 97 8.57 4.06 13.82
CA GLU B 97 9.77 4.25 14.61
C GLU B 97 9.53 3.96 16.09
N LEU B 98 8.42 4.46 16.61
CA LEU B 98 8.07 4.26 18.00
C LEU B 98 7.75 2.82 18.27
N LEU B 99 6.98 2.20 17.37
CA LEU B 99 6.57 0.85 17.53
C LEU B 99 7.75 -0.11 17.68
N VAL B 100 8.68 -0.01 16.77
CA VAL B 100 9.85 -0.86 16.74
CA VAL B 100 9.83 -0.91 16.75
C VAL B 100 10.72 -0.65 17.97
N ALA B 101 10.89 0.60 18.36
CA ALA B 101 11.71 0.95 19.49
C ALA B 101 11.10 0.42 20.80
N LEU B 102 9.76 0.56 20.95
CA LEU B 102 9.06 0.03 22.14
CA LEU B 102 9.06 0.05 22.12
C LEU B 102 9.01 -1.49 22.13
N GLU B 103 8.66 -2.08 21.00
CA GLU B 103 8.62 -3.53 20.94
C GLU B 103 10.01 -4.11 21.20
N ASN B 104 11.05 -3.48 20.68
CA ASN B 104 12.37 -4.03 20.89
C ASN B 104 12.81 -3.98 22.34
N GLN B 105 12.53 -2.88 23.04
CA GLN B 105 12.77 -2.77 24.48
C GLN B 105 12.00 -3.86 25.21
N HIS B 106 10.74 -4.07 24.84
CA HIS B 106 9.94 -5.10 25.51
C HIS B 106 10.43 -6.53 25.21
N THR B 107 10.90 -6.79 24.01
CA THR B 107 11.37 -8.14 23.68
C THR B 107 12.63 -8.51 24.46
N ILE B 108 13.53 -7.55 24.56
CA ILE B 108 14.74 -7.69 25.33
C ILE B 108 14.42 -7.92 26.81
N ASP B 109 13.45 -7.17 27.32
CA ASP B 109 13.04 -7.35 28.70
C ASP B 109 12.30 -8.64 28.99
N LEU B 110 11.39 -9.05 28.12
CA LEU B 110 10.67 -10.30 28.32
C LEU B 110 11.60 -11.52 28.26
N THR B 111 12.62 -11.49 27.40
CA THR B 111 13.55 -12.59 27.32
C THR B 111 14.48 -12.72 28.54
N ASP B 112 14.88 -11.58 29.11
CA ASP B 112 15.61 -11.51 30.37
C ASP B 112 14.69 -12.00 31.49
N SER B 113 13.44 -11.61 31.43
CA SER B 113 12.48 -12.12 32.38
C SER B 113 12.40 -13.65 32.34
N GLU B 114 12.27 -14.25 31.16
CA GLU B 114 12.20 -15.71 31.13
C GLU B 114 13.41 -16.36 31.77
N MET B 115 14.58 -15.79 31.55
CA MET B 115 15.83 -16.29 32.16
C MET B 115 15.77 -16.19 33.67
N ASN B 116 15.34 -15.04 34.15
CA ASN B 116 15.22 -14.84 35.57
C ASN B 116 14.22 -15.81 36.23
N LYS B 117 13.06 -16.03 35.62
CA LYS B 117 12.06 -16.94 36.23
C LYS B 117 12.58 -18.37 36.35
N LEU B 118 13.31 -18.81 35.34
CA LEU B 118 13.89 -20.14 35.36
C LEU B 118 14.89 -20.26 36.50
N PHE B 119 15.75 -19.24 36.64
CA PHE B 119 16.73 -19.22 37.69
C PHE B 119 16.07 -19.28 39.07
N GLU B 120 15.09 -18.40 39.27
CA GLU B 120 14.32 -18.38 40.53
C GLU B 120 13.61 -19.68 40.82
N LYS B 121 13.01 -20.28 39.80
CA LYS B 121 12.29 -21.52 39.99
C LYS B 121 13.26 -22.62 40.46
N THR B 122 14.42 -22.68 39.83
CA THR B 122 15.44 -23.65 40.18
C THR B 122 15.98 -23.39 41.60
N LYS B 123 16.24 -22.12 41.95
CA LYS B 123 16.69 -21.76 43.30
C LYS B 123 15.73 -22.29 44.39
N LYS B 124 14.43 -22.13 44.18
CA LYS B 124 13.43 -22.57 45.16
C LYS B 124 13.41 -24.09 45.27
N GLN B 125 13.51 -24.75 44.13
CA GLN B 125 13.57 -26.20 44.06
C GLN B 125 14.67 -26.84 44.91
N LEU B 126 15.85 -26.24 44.88
CA LEU B 126 16.96 -26.74 45.64
C LEU B 126 16.88 -26.52 47.14
N ARG B 127 16.02 -25.62 47.62
CA ARG B 127 15.78 -25.42 49.08
C ARG B 127 17.07 -25.11 49.87
N GLU B 128 17.43 -25.89 50.90
CA GLU B 128 18.68 -25.71 51.62
C GLU B 128 19.84 -26.56 51.09
N ASN B 129 19.69 -27.21 49.94
CA ASN B 129 20.70 -28.14 49.44
C ASN B 129 21.73 -27.48 48.56
N ALA B 130 21.57 -26.17 48.32
CA ALA B 130 22.48 -25.46 47.42
C ALA B 130 22.54 -23.96 47.75
N GLU B 131 23.61 -23.31 47.30
CA GLU B 131 23.78 -21.87 47.45
C GLU B 131 24.03 -21.26 46.06
N ASP B 132 23.62 -19.99 45.92
CA ASP B 132 23.73 -19.20 44.69
C ASP B 132 25.14 -18.60 44.69
N MET B 133 25.92 -18.90 43.65
CA MET B 133 27.29 -18.42 43.53
CA MET B 133 27.30 -18.41 43.52
C MET B 133 27.35 -16.97 43.01
N GLY B 134 26.22 -16.46 42.53
CA GLY B 134 26.07 -15.06 42.06
C GLY B 134 26.24 -14.83 40.56
N ASN B 135 26.47 -15.88 39.80
CA ASN B 135 26.79 -15.79 38.38
C ASN B 135 25.91 -16.77 37.59
N GLY B 136 24.71 -17.02 38.09
CA GLY B 136 23.81 -18.00 37.53
C GLY B 136 24.04 -19.44 37.91
N CYS B 137 25.04 -19.75 38.73
CA CYS B 137 25.36 -21.16 39.07
C CYS B 137 25.05 -21.43 40.55
N PHE B 138 24.61 -22.65 40.80
CA PHE B 138 24.37 -23.15 42.14
C PHE B 138 25.45 -24.15 42.49
N LYS B 139 26.00 -24.01 43.68
CA LYS B 139 26.84 -25.00 44.28
C LYS B 139 25.89 -25.91 45.02
N ILE B 140 25.90 -27.20 44.65
CA ILE B 140 25.03 -28.17 45.24
C ILE B 140 25.87 -28.99 46.23
N TYR B 141 25.43 -29.05 47.49
CA TYR B 141 26.23 -29.61 48.58
C TYR B 141 25.94 -31.10 48.85
N HIS B 142 25.76 -31.87 47.79
CA HIS B 142 25.58 -33.31 47.90
C HIS B 142 25.97 -33.98 46.59
N LYS B 143 26.31 -35.26 46.65
CA LYS B 143 26.50 -36.09 45.46
C LYS B 143 25.24 -35.98 44.57
N CYS B 144 25.41 -35.56 43.33
CA CYS B 144 24.26 -35.36 42.45
C CYS B 144 24.65 -35.86 41.08
N ASP B 145 24.44 -37.17 40.89
CA ASP B 145 24.63 -37.85 39.62
C ASP B 145 23.67 -37.39 38.49
N ASN B 146 23.83 -37.98 37.30
CA ASN B 146 23.06 -37.55 36.13
C ASN B 146 21.53 -37.67 36.30
N ALA B 147 21.07 -38.69 37.00
CA ALA B 147 19.64 -38.84 37.28
C ALA B 147 19.11 -37.75 38.26
N CYS B 148 19.93 -37.39 39.24
CA CYS B 148 19.62 -36.31 40.16
C CYS B 148 19.55 -34.97 39.43
N ILE B 149 20.55 -34.67 38.61
CA ILE B 149 20.54 -33.45 37.78
C ILE B 149 19.30 -33.46 36.89
N GLY B 150 19.07 -34.59 36.19
CA GLY B 150 17.86 -34.79 35.40
C GLY B 150 16.58 -34.47 36.17
N SER B 151 16.52 -34.88 37.43
CA SER B 151 15.37 -34.65 38.28
C SER B 151 15.19 -33.15 38.63
N ILE B 152 16.28 -32.42 38.77
CA ILE B 152 16.16 -30.98 38.95
C ILE B 152 15.60 -30.34 37.67
N ARG B 153 16.09 -30.74 36.50
CA ARG B 153 15.59 -30.21 35.23
C ARG B 153 14.12 -30.57 34.96
N ASN B 154 13.67 -31.74 35.39
CA ASN B 154 12.30 -32.20 35.13
C ASN B 154 11.29 -31.81 36.23
N GLY B 155 11.71 -31.09 37.26
CA GLY B 155 10.83 -30.66 38.34
C GLY B 155 10.42 -31.76 39.31
N THR B 156 11.21 -32.85 39.38
CA THR B 156 10.93 -34.00 40.23
C THR B 156 11.94 -34.21 41.38
N TYR B 157 12.88 -33.28 41.54
CA TYR B 157 13.91 -33.36 42.58
C TYR B 157 13.25 -33.32 43.94
N ASP B 158 13.53 -34.31 44.78
CA ASP B 158 13.01 -34.37 46.16
C ASP B 158 14.13 -33.91 47.06
N HIS B 159 14.01 -32.69 47.57
CA HIS B 159 15.07 -32.09 48.37
C HIS B 159 15.22 -32.80 49.73
N ASP B 160 14.16 -33.39 50.29
CA ASP B 160 14.28 -34.08 51.59
C ASP B 160 15.24 -35.28 51.58
N VAL B 161 15.33 -35.95 50.43
CA VAL B 161 16.22 -37.10 50.23
C VAL B 161 17.69 -36.75 50.54
N TYR B 162 18.14 -35.57 50.09
CA TYR B 162 19.53 -35.13 50.24
C TYR B 162 19.79 -34.11 51.34
N ARG B 163 18.75 -33.67 52.02
CA ARG B 163 18.88 -32.54 52.94
C ARG B 163 19.95 -32.73 54.01
N ASP B 164 19.92 -33.88 54.68
CA ASP B 164 20.90 -34.21 55.72
C ASP B 164 22.34 -34.16 55.21
N GLU B 165 22.60 -34.83 54.10
CA GLU B 165 23.89 -34.75 53.44
C GLU B 165 24.30 -33.29 53.17
N ALA B 166 23.37 -32.52 52.64
CA ALA B 166 23.66 -31.14 52.26
C ALA B 166 23.89 -30.21 53.44
N LEU B 167 23.02 -30.24 54.44
CA LEU B 167 23.24 -29.39 55.63
C LEU B 167 24.58 -29.70 56.33
N ASN B 168 24.92 -30.98 56.42
CA ASN B 168 26.19 -31.36 57.00
C ASN B 168 27.36 -30.76 56.21
N ASN B 169 27.31 -30.85 54.88
CA ASN B 169 28.36 -30.26 54.05
C ASN B 169 28.39 -28.72 54.09
N ARG B 170 27.22 -28.09 54.16
CA ARG B 170 27.12 -26.64 54.13
C ARG B 170 27.61 -25.94 55.39
N PHE B 171 27.21 -26.47 56.54
CA PHE B 171 27.51 -25.83 57.81
C PHE B 171 28.62 -26.58 58.51
N GLN B 172 29.67 -26.86 57.74
CA GLN B 172 30.91 -27.51 58.18
C GLN B 172 31.86 -26.44 58.74
N ILE B 173 33.00 -26.87 59.28
CA ILE B 173 34.14 -25.99 59.56
C ILE B 173 35.40 -26.48 58.84
C1 NAG C . -37.46 23.17 -25.44
C2 NAG C . -38.66 24.14 -25.44
C3 NAG C . -39.46 23.97 -24.16
C4 NAG C . -39.77 22.51 -23.86
C5 NAG C . -38.54 21.62 -23.97
C6 NAG C . -38.88 20.14 -23.80
C7 NAG C . -38.77 26.46 -26.35
C8 NAG C . -38.20 27.84 -26.21
N2 NAG C . -38.26 25.55 -25.50
O3 NAG C . -40.69 24.70 -24.25
O4 NAG C . -40.27 22.43 -22.53
O5 NAG C . -37.93 21.82 -25.24
O6 NAG C . -39.75 19.70 -24.85
O7 NAG C . -39.62 26.22 -27.20
C1 NAG C . -41.61 21.88 -22.51
C2 NAG C . -41.97 21.50 -21.08
C3 NAG C . -43.43 21.06 -20.96
C4 NAG C . -44.38 22.04 -21.66
C5 NAG C . -43.88 22.30 -23.09
C6 NAG C . -44.74 23.24 -23.93
C7 NAG C . -40.05 20.57 -19.81
C8 NAG C . -39.30 19.31 -19.46
N2 NAG C . -41.10 20.42 -20.63
O3 NAG C . -43.75 20.92 -19.57
O4 NAG C . -45.70 21.46 -21.71
O5 NAG C . -42.55 22.82 -23.02
O6 NAG C . -44.71 24.57 -23.41
O7 NAG C . -39.69 21.64 -19.33
C1 BMA C . -46.60 21.84 -20.63
C2 BMA C . -48.00 21.53 -21.12
C3 BMA C . -49.06 21.77 -20.04
C4 BMA C . -48.67 21.01 -18.77
C5 BMA C . -47.27 21.47 -18.34
C6 BMA C . -46.80 20.82 -17.05
O2 BMA C . -48.06 20.16 -21.58
O3 BMA C . -50.37 21.37 -20.51
O4 BMA C . -49.64 21.24 -17.74
O5 BMA C . -46.33 21.17 -19.39
O6 BMA C . -46.49 19.44 -17.25
C1 MAN C . -51.07 22.39 -21.28
C2 MAN C . -52.57 22.20 -21.10
C3 MAN C . -53.12 21.05 -21.95
C4 MAN C . -52.69 21.22 -23.40
C5 MAN C . -51.16 21.31 -23.46
C6 MAN C . -50.60 21.40 -24.89
O2 MAN C . -53.23 23.43 -21.44
O3 MAN C . -54.55 20.98 -21.87
O4 MAN C . -53.14 20.12 -24.19
O5 MAN C . -50.72 22.44 -22.69
O6 MAN C . -51.42 22.21 -25.74
C1 NAG D . 14.58 -15.28 12.90
C2 NAG D . 14.44 -16.78 12.74
C3 NAG D . 13.56 -17.10 11.54
C4 NAG D . 12.19 -16.41 11.64
C5 NAG D . 12.27 -14.94 12.10
C6 NAG D . 10.91 -14.50 12.66
C7 NAG D . 16.27 -18.24 13.41
C8 NAG D . 17.66 -18.71 13.07
N2 NAG D . 15.76 -17.35 12.57
O3 NAG D . 13.37 -18.53 11.51
O4 NAG D . 11.57 -16.47 10.33
O5 NAG D . 13.27 -14.71 13.10
O6 NAG D . 10.60 -15.18 13.90
O7 NAG D . 15.68 -18.67 14.39
C1 NAG D . 10.29 -17.14 10.34
C2 NAG D . 9.49 -16.67 9.12
C3 NAG D . 8.25 -17.51 8.88
C4 NAG D . 8.62 -18.98 8.84
C5 NAG D . 9.37 -19.42 10.09
C6 NAG D . 9.89 -20.86 10.00
C7 NAG D . 9.77 -14.24 8.75
C8 NAG D . 9.17 -12.90 9.02
N2 NAG D . 9.09 -15.27 9.26
O3 NAG D . 7.64 -17.08 7.65
O4 NAG D . 7.40 -19.74 8.70
O5 NAG D . 10.49 -18.56 10.35
O6 NAG D . 11.19 -20.91 9.38
O7 NAG D . 10.81 -14.37 8.11
C1 BMA D . 7.13 -20.14 7.35
C2 BMA D . 6.48 -21.50 7.47
C3 BMA D . 6.32 -22.08 6.06
C4 BMA D . 5.61 -21.12 5.11
C5 BMA D . 6.07 -19.65 5.23
C6 BMA D . 5.04 -18.71 4.60
O2 BMA D . 5.22 -21.42 8.16
O3 BMA D . 5.61 -23.33 6.19
O4 BMA D . 5.85 -21.54 3.76
O5 BMA D . 6.27 -19.26 6.60
O6 BMA D . 5.62 -17.45 4.22
C1 MAN D . 6.49 -24.43 6.54
C2 MAN D . 6.71 -25.25 5.27
C3 MAN D . 5.38 -25.87 4.81
C4 MAN D . 4.47 -26.38 5.95
C5 MAN D . 4.67 -25.77 7.36
C6 MAN D . 4.36 -26.81 8.43
O2 MAN D . 7.74 -26.23 5.46
O3 MAN D . 5.65 -26.95 3.90
O4 MAN D . 3.11 -26.13 5.59
O5 MAN D . 5.99 -25.27 7.59
O6 MAN D . 4.15 -26.18 9.70
C1 NAG E . 10.14 4.04 -7.34
C2 NAG E . 11.60 4.05 -6.85
C3 NAG E . 12.06 5.44 -6.38
C4 NAG E . 11.47 6.61 -7.18
C5 NAG E . 9.98 6.39 -7.46
C6 NAG E . 9.37 7.51 -8.28
C7 NAG E . 12.23 1.81 -5.96
C8 NAG E . 12.39 0.96 -4.73
N2 NAG E . 11.81 3.07 -5.77
O3 NAG E . 13.49 5.51 -6.47
O4 NAG E . 11.64 7.84 -6.46
O5 NAG E . 9.83 5.16 -8.16
O6 NAG E . 10.05 7.57 -9.53
O7 NAG E . 12.48 1.31 -7.06
C1 NAG E . 12.42 8.80 -7.22
C2 NAG E . 12.18 10.21 -6.67
C3 NAG E . 13.23 11.24 -7.12
C4 NAG E . 14.65 10.70 -7.27
C5 NAG E . 14.64 9.31 -7.92
C6 NAG E . 16.03 8.69 -7.98
C7 NAG E . 9.84 10.92 -6.36
C8 NAG E . 8.62 11.43 -7.08
N2 NAG E . 10.89 10.69 -7.14
O3 NAG E . 13.22 12.32 -6.17
O4 NAG E . 15.42 11.61 -8.05
O5 NAG E . 13.79 8.43 -7.20
O6 NAG E . 16.11 7.88 -9.14
O7 NAG E . 9.85 10.76 -5.15
C1 NAG F . 23.01 -16.53 11.05
C2 NAG F . 21.76 -15.87 10.40
C3 NAG F . 20.78 -16.88 9.80
C4 NAG F . 21.51 -17.79 8.82
C5 NAG F . 22.58 -18.55 9.62
C6 NAG F . 23.37 -19.61 8.79
C7 NAG F . 21.03 -13.75 11.42
C8 NAG F . 20.14 -13.13 12.46
N2 NAG F . 21.00 -15.09 11.36
O3 NAG F . 19.71 -16.16 9.17
O4 NAG F . 20.56 -18.62 8.14
O5 NAG F . 23.51 -17.63 10.26
O6 NAG F . 24.01 -19.09 7.61
O7 NAG F . 21.73 -13.06 10.68
C1 NAG G . 1.89 3.06 -29.98
C2 NAG G . 1.75 1.82 -30.84
C3 NAG G . 3.09 1.46 -31.51
C4 NAG G . 3.78 2.67 -32.15
C5 NAG G . 3.83 3.84 -31.15
C6 NAG G . 4.51 5.11 -31.69
C7 NAG G . 0.06 0.29 -29.88
C8 NAG G . -0.14 -0.85 -28.92
N2 NAG G . 1.33 0.72 -29.99
O3 NAG G . 2.87 0.46 -32.51
O4 NAG G . 5.09 2.29 -32.58
O5 NAG G . 2.49 4.13 -30.72
O6 NAG G . 3.65 5.84 -32.57
O7 NAG G . -0.87 0.77 -30.49
C1 NAG H . -23.53 8.85 -38.06
C2 NAG H . -24.71 8.50 -38.98
C3 NAG H . -25.27 7.12 -38.66
C4 NAG H . -24.13 6.10 -38.72
C5 NAG H . -23.11 6.47 -37.64
C6 NAG H . -21.93 5.48 -37.53
C7 NAG H . -26.48 9.93 -39.94
C8 NAG H . -27.58 10.92 -39.65
N2 NAG H . -25.80 9.47 -38.88
O3 NAG H . -26.30 6.79 -39.59
O4 NAG H . -24.66 4.77 -38.54
O5 NAG H . -22.59 7.77 -37.92
O6 NAG H . -20.97 5.69 -38.57
O7 NAG H . -26.25 9.59 -41.09
C1 NAG I . 14.20 -36.20 32.70
C2 NAG I . 14.35 -37.71 32.99
C3 NAG I . 15.08 -38.44 31.85
C4 NAG I . 14.37 -38.17 30.53
C5 NAG I . 14.34 -36.67 30.28
C6 NAG I . 13.65 -36.37 28.95
C7 NAG I . 14.49 -37.97 35.47
C8 NAG I . 15.41 -38.37 36.59
N2 NAG I . 15.04 -38.02 34.24
O3 NAG I . 15.16 -39.86 32.07
O4 NAG I . 15.02 -38.85 29.44
O5 NAG I . 13.67 -35.99 31.36
O6 NAG I . 13.13 -35.03 28.95
O7 NAG I . 13.34 -37.60 35.70
#